data_8GCK
#
_entry.id   8GCK
#
_cell.length_a   45.745
_cell.length_b   65.717
_cell.length_c   77.237
_cell.angle_alpha   90.000
_cell.angle_beta   90.000
_cell.angle_gamma   90.000
#
_symmetry.space_group_name_H-M   'P 2 21 21'
#
loop_
_entity.id
_entity.type
_entity.pdbx_description
1 polymer 'E3 ubiquitin-protein ligase CHIP'
2 polymer ACE-SER-ILE-ASP-MET-VAL-ASP
3 water water
#
loop_
_entity_poly.entity_id
_entity_poly.type
_entity_poly.pdbx_seq_one_letter_code
_entity_poly.pdbx_strand_id
1 'polypeptide(L)'
;KSPSAQELKEQGNRLFVGRKYPEAAACYGRAITRNPLVAVYYTNRALCYLKMQQHEQALADCRRALELDGQSVKAHFFLG
QCQLEMESYDEAIANLQRAYSLAKEQRLNFGDDIPSALRIAKKKRWNS
;
B,A
2 'polypeptide(L)' (ACE)SIDMVD E,C
#
loop_
_chem_comp.id
_chem_comp.type
_chem_comp.name
_chem_comp.formula
ACE non-polymer 'ACETYL GROUP' 'C2 H4 O'
#
# COMPACT_ATOMS: atom_id res chain seq x y z
N LYS A 1 25.20 -18.17 16.90
CA LYS A 1 25.07 -17.38 18.12
C LYS A 1 24.50 -15.99 17.82
N SER A 2 24.98 -15.39 16.72
CA SER A 2 24.55 -14.07 16.32
C SER A 2 24.15 -14.11 14.85
N PRO A 3 23.13 -13.36 14.47
CA PRO A 3 22.72 -13.34 13.05
C PRO A 3 23.59 -12.41 12.22
N SER A 4 23.91 -12.86 11.00
CA SER A 4 24.60 -12.02 10.03
C SER A 4 23.63 -10.98 9.47
N ALA A 5 24.20 -9.95 8.82
CA ALA A 5 23.35 -8.97 8.17
C ALA A 5 22.44 -9.64 7.14
N GLN A 6 22.96 -10.66 6.45
CA GLN A 6 22.18 -11.35 5.43
C GLN A 6 21.05 -12.16 6.05
N GLU A 7 21.31 -12.83 7.18
CA GLU A 7 20.25 -13.51 7.89
C GLU A 7 19.15 -12.55 8.30
N LEU A 8 19.55 -11.36 8.73
CA LEU A 8 18.57 -10.38 9.21
C LEU A 8 17.79 -9.80 8.06
N LYS A 9 18.43 -9.50 6.94
CA LYS A 9 17.68 -9.01 5.78
C LYS A 9 16.68 -10.06 5.32
N GLU A 10 17.10 -11.32 5.28
CA GLU A 10 16.20 -12.39 4.86
C GLU A 10 15.02 -12.52 5.82
N GLN A 11 15.29 -12.46 7.13
CA GLN A 11 14.20 -12.49 8.10
C GLN A 11 13.27 -11.30 7.93
N GLY A 12 13.83 -10.11 7.69
CA GLY A 12 12.99 -8.95 7.46
C GLY A 12 12.13 -9.10 6.22
N ASN A 13 12.70 -9.66 5.14
CA ASN A 13 11.93 -9.89 3.92
C ASN A 13 10.77 -10.83 4.18
N ARG A 14 10.99 -11.87 5.00
CA ARG A 14 9.91 -12.80 5.30
C ARG A 14 8.81 -12.13 6.12
N LEU A 15 9.20 -11.31 7.11
CA LEU A 15 8.23 -10.60 7.92
C LEU A 15 7.46 -9.58 7.08
N PHE A 16 8.13 -8.97 6.10
CA PHE A 16 7.45 -8.00 5.24
C PHE A 16 6.35 -8.68 4.44
N VAL A 17 6.67 -9.80 3.79
CA VAL A 17 5.66 -10.54 3.02
C VAL A 17 4.58 -11.08 3.95
N GLY A 18 4.93 -11.38 5.19
CA GLY A 18 3.99 -11.78 6.21
C GLY A 18 3.15 -10.68 6.81
N ARG A 19 3.25 -9.46 6.26
CA ARG A 19 2.50 -8.30 6.75
C ARG A 19 2.79 -8.00 8.22
N LYS A 20 4.05 -8.16 8.62
CA LYS A 20 4.52 -7.76 9.94
C LYS A 20 5.52 -6.62 9.75
N TYR A 21 5.00 -5.44 9.42
CA TYR A 21 5.85 -4.35 8.95
C TYR A 21 6.74 -3.77 10.04
N PRO A 22 6.25 -3.48 11.25
CA PRO A 22 7.17 -2.99 12.30
C PRO A 22 8.26 -3.99 12.62
N GLU A 23 7.92 -5.28 12.66
CA GLU A 23 8.91 -6.31 12.93
C GLU A 23 9.92 -6.40 11.80
N ALA A 24 9.46 -6.31 10.55
CA ALA A 24 10.39 -6.28 9.41
C ALA A 24 11.32 -5.07 9.49
N ALA A 25 10.76 -3.90 9.80
CA ALA A 25 11.60 -2.70 9.87
C ALA A 25 12.67 -2.86 10.93
N ALA A 26 12.33 -3.47 12.07
CA ALA A 26 13.34 -3.67 13.11
C ALA A 26 14.43 -4.63 12.65
N CYS A 27 14.06 -5.67 11.91
CA CYS A 27 15.07 -6.58 11.35
CA CYS A 27 15.06 -6.57 11.35
C CYS A 27 16.02 -5.83 10.42
N TYR A 28 15.49 -5.01 9.52
CA TYR A 28 16.39 -4.24 8.66
C TYR A 28 17.26 -3.30 9.48
N GLY A 29 16.71 -2.75 10.55
CA GLY A 29 17.53 -1.92 11.44
C GLY A 29 18.70 -2.71 12.03
N ARG A 30 18.46 -3.97 12.40
CA ARG A 30 19.56 -4.80 12.90
C ARG A 30 20.55 -5.14 11.80
N ALA A 31 20.08 -5.29 10.57
CA ALA A 31 21.01 -5.50 9.46
C ALA A 31 21.87 -4.27 9.25
N ILE A 32 21.29 -3.08 9.37
CA ILE A 32 22.03 -1.83 9.24
C ILE A 32 23.10 -1.72 10.31
N THR A 33 22.79 -2.16 11.54
CA THR A 33 23.80 -2.15 12.58
C THR A 33 25.01 -2.97 12.17
N ARG A 34 24.77 -4.10 11.52
CA ARG A 34 25.86 -4.97 11.13
C ARG A 34 26.60 -4.45 9.91
N ASN A 35 25.88 -3.86 8.96
CA ASN A 35 26.50 -3.24 7.79
C ASN A 35 25.75 -1.98 7.42
N PRO A 36 26.20 -0.82 7.91
CA PRO A 36 25.45 0.42 7.72
C PRO A 36 25.69 1.09 6.37
N LEU A 37 26.47 0.47 5.50
CA LEU A 37 26.78 1.07 4.21
C LEU A 37 26.02 0.43 3.05
N VAL A 38 24.95 -0.30 3.33
CA VAL A 38 24.19 -1.03 2.32
C VAL A 38 22.87 -0.33 2.08
N ALA A 39 22.71 0.30 0.90
CA ALA A 39 21.54 1.11 0.64
C ALA A 39 20.25 0.30 0.68
N VAL A 40 20.28 -0.96 0.23
CA VAL A 40 19.07 -1.79 0.17
CA VAL A 40 19.05 -1.75 0.16
C VAL A 40 18.42 -1.93 1.54
N TYR A 41 19.23 -1.98 2.60
CA TYR A 41 18.59 -2.13 3.90
C TYR A 41 17.74 -0.92 4.24
N TYR A 42 18.20 0.28 3.86
CA TYR A 42 17.41 1.48 4.09
C TYR A 42 16.20 1.58 3.17
N THR A 43 16.33 1.18 1.90
CA THR A 43 15.14 1.24 1.05
C THR A 43 14.10 0.19 1.46
N ASN A 44 14.55 -1.00 1.86
CA ASN A 44 13.62 -1.98 2.42
C ASN A 44 12.91 -1.41 3.65
N ARG A 45 13.67 -0.78 4.56
CA ARG A 45 13.02 -0.25 5.75
C ARG A 45 12.10 0.91 5.40
N ALA A 46 12.48 1.74 4.42
CA ALA A 46 11.59 2.82 3.98
C ALA A 46 10.25 2.27 3.53
N LEU A 47 10.27 1.16 2.79
CA LEU A 47 9.00 0.58 2.33
C LEU A 47 8.16 0.09 3.51
N CYS A 48 8.79 -0.47 4.55
CA CYS A 48 8.05 -0.82 5.76
C CYS A 48 7.39 0.41 6.37
N TYR A 49 8.15 1.49 6.50
CA TYR A 49 7.60 2.71 7.08
C TYR A 49 6.46 3.26 6.24
N LEU A 50 6.56 3.16 4.91
CA LEU A 50 5.43 3.56 4.07
C LEU A 50 4.19 2.74 4.39
N LYS A 51 4.34 1.43 4.53
CA LYS A 51 3.19 0.58 4.86
C LYS A 51 2.66 0.89 6.25
N MET A 52 3.50 1.42 7.13
CA MET A 52 3.09 1.83 8.47
C MET A 52 2.60 3.26 8.54
N GLN A 53 2.48 3.95 7.41
CA GLN A 53 2.07 5.36 7.36
C GLN A 53 3.05 6.28 8.07
N GLN A 54 4.28 5.82 8.26
CA GLN A 54 5.31 6.63 8.92
CA GLN A 54 5.32 6.61 8.92
C GLN A 54 6.16 7.32 7.86
N HIS A 55 5.54 8.36 7.26
CA HIS A 55 6.14 9.00 6.09
C HIS A 55 7.44 9.72 6.41
N GLU A 56 7.50 10.46 7.51
CA GLU A 56 8.74 11.15 7.82
C GLU A 56 9.89 10.17 8.02
N GLN A 57 9.60 9.03 8.65
CA GLN A 57 10.64 8.01 8.82
C GLN A 57 11.03 7.39 7.48
N ALA A 58 10.04 7.15 6.62
CA ALA A 58 10.32 6.59 5.31
C ALA A 58 11.16 7.55 4.48
N LEU A 59 10.83 8.83 4.52
CA LEU A 59 11.59 9.83 3.76
C LEU A 59 13.05 9.87 4.22
N ALA A 60 13.27 9.81 5.53
CA ALA A 60 14.63 9.85 6.05
C ALA A 60 15.44 8.64 5.59
N ASP A 61 14.81 7.46 5.55
CA ASP A 61 15.51 6.28 5.09
C ASP A 61 15.80 6.34 3.59
N CYS A 62 14.88 6.87 2.78
CA CYS A 62 15.19 7.06 1.37
C CYS A 62 16.38 8.00 1.20
N ARG A 63 16.44 9.08 1.99
CA ARG A 63 17.58 10.00 1.91
C ARG A 63 18.87 9.30 2.28
N ARG A 64 18.85 8.48 3.33
CA ARG A 64 20.03 7.70 3.69
C ARG A 64 20.45 6.76 2.56
N ALA A 65 19.47 6.08 1.97
CA ALA A 65 19.77 5.15 0.88
C ALA A 65 20.42 5.89 -0.29
N LEU A 66 19.89 7.08 -0.62
CA LEU A 66 20.40 7.83 -1.75
C LEU A 66 21.84 8.31 -1.52
N GLU A 67 22.22 8.55 -0.25
CA GLU A 67 23.61 8.86 0.04
C GLU A 67 24.52 7.68 -0.24
N LEU A 68 24.02 6.46 -0.09
CA LEU A 68 24.84 5.27 -0.29
C LEU A 68 24.77 4.74 -1.71
N ASP A 69 23.66 4.97 -2.41
CA ASP A 69 23.50 4.50 -3.79
C ASP A 69 22.62 5.53 -4.52
N GLY A 70 23.28 6.50 -5.14
CA GLY A 70 22.54 7.54 -5.83
C GLY A 70 21.82 7.06 -7.07
N GLN A 71 22.09 5.84 -7.53
CA GLN A 71 21.42 5.30 -8.71
C GLN A 71 20.25 4.40 -8.36
N SER A 72 19.87 4.33 -7.08
CA SER A 72 18.86 3.37 -6.65
C SER A 72 17.48 3.73 -7.23
N VAL A 73 16.95 2.84 -8.07
CA VAL A 73 15.59 3.04 -8.60
C VAL A 73 14.57 3.05 -7.47
N LYS A 74 14.67 2.08 -6.57
CA LYS A 74 13.68 1.97 -5.51
C LYS A 74 13.75 3.12 -4.53
N ALA A 75 14.94 3.65 -4.25
CA ALA A 75 15.00 4.80 -3.34
C ALA A 75 14.23 5.97 -3.93
N HIS A 76 14.39 6.20 -5.24
CA HIS A 76 13.65 7.28 -5.89
C HIS A 76 12.17 6.97 -5.94
N PHE A 77 11.80 5.72 -6.26
CA PHE A 77 10.39 5.37 -6.37
C PHE A 77 9.70 5.49 -5.01
N PHE A 78 10.33 4.96 -3.95
CA PHE A 78 9.69 5.01 -2.64
C PHE A 78 9.66 6.44 -2.11
N LEU A 79 10.70 7.22 -2.41
CA LEU A 79 10.68 8.63 -2.06
C LEU A 79 9.52 9.34 -2.74
N GLY A 80 9.31 9.07 -4.02
CA GLY A 80 8.19 9.66 -4.73
C GLY A 80 6.86 9.25 -4.13
N GLN A 81 6.72 7.97 -3.76
CA GLN A 81 5.50 7.51 -3.11
C GLN A 81 5.28 8.22 -1.79
N CYS A 82 6.35 8.37 -1.01
CA CYS A 82 6.27 9.11 0.25
CA CYS A 82 6.23 9.09 0.25
C CYS A 82 5.73 10.51 0.03
N GLN A 83 6.35 11.23 -0.91
CA GLN A 83 5.98 12.61 -1.16
C GLN A 83 4.57 12.71 -1.70
N LEU A 84 4.16 11.73 -2.50
CA LEU A 84 2.77 11.70 -2.98
C LEU A 84 1.81 11.60 -1.80
N GLU A 85 2.10 10.72 -0.84
CA GLU A 85 1.19 10.59 0.30
C GLU A 85 1.22 11.81 1.21
N MET A 86 2.32 12.56 1.20
CA MET A 86 2.43 13.81 1.95
C MET A 86 1.96 15.02 1.14
N GLU A 87 1.36 14.78 -0.02
CA GLU A 87 0.80 15.83 -0.88
C GLU A 87 1.85 16.77 -1.45
N SER A 88 3.11 16.33 -1.53
CA SER A 88 4.16 17.09 -2.20
C SER A 88 4.27 16.59 -3.65
N TYR A 89 3.29 17.01 -4.45
CA TYR A 89 3.04 16.38 -5.75
C TYR A 89 4.17 16.64 -6.74
N ASP A 90 4.67 17.87 -6.80
CA ASP A 90 5.73 18.18 -7.76
C ASP A 90 6.98 17.36 -7.49
N GLU A 91 7.37 17.25 -6.22
CA GLU A 91 8.54 16.46 -5.86
CA GLU A 91 8.54 16.46 -5.86
C GLU A 91 8.29 14.98 -6.10
N ALA A 92 7.07 14.50 -5.80
CA ALA A 92 6.73 13.10 -6.05
C ALA A 92 6.92 12.77 -7.53
N ILE A 93 6.38 13.62 -8.41
CA ILE A 93 6.45 13.34 -9.83
C ILE A 93 7.89 13.37 -10.32
N ALA A 94 8.70 14.32 -9.83
CA ALA A 94 10.11 14.35 -10.21
C ALA A 94 10.82 13.05 -9.83
N ASN A 95 10.56 12.54 -8.62
CA ASN A 95 11.24 11.34 -8.18
C ASN A 95 10.76 10.11 -8.94
N LEU A 96 9.46 10.06 -9.25
CA LEU A 96 8.97 8.94 -10.03
C LEU A 96 9.54 8.96 -11.44
N GLN A 97 9.66 10.16 -12.02
CA GLN A 97 10.26 10.26 -13.35
C GLN A 97 11.72 9.85 -13.31
N ARG A 98 12.43 10.21 -12.24
CA ARG A 98 13.83 9.80 -12.10
C ARG A 98 13.92 8.28 -11.95
N ALA A 99 13.02 7.68 -11.18
CA ALA A 99 12.96 6.23 -11.10
C ALA A 99 12.78 5.61 -12.49
N TYR A 100 11.90 6.21 -13.31
CA TYR A 100 11.71 5.70 -14.66
C TYR A 100 13.01 5.74 -15.45
N SER A 101 13.72 6.87 -15.42
CA SER A 101 14.95 7.01 -16.19
C SER A 101 16.02 6.06 -15.72
N LEU A 102 16.17 5.93 -14.40
CA LEU A 102 17.18 5.02 -13.86
C LEU A 102 16.84 3.57 -14.19
N ALA A 103 15.55 3.21 -14.13
CA ALA A 103 15.19 1.82 -14.44
C ALA A 103 15.50 1.50 -15.90
N LYS A 104 15.22 2.46 -16.80
CA LYS A 104 15.54 2.25 -18.20
C LYS A 104 17.04 2.13 -18.41
N GLU A 105 17.83 2.98 -17.75
CA GLU A 105 19.29 2.91 -17.87
C GLU A 105 19.83 1.57 -17.36
N GLN A 106 19.26 1.06 -16.28
CA GLN A 106 19.66 -0.21 -15.68
C GLN A 106 18.96 -1.42 -16.28
N ARG A 107 18.11 -1.22 -17.28
CA ARG A 107 17.43 -2.31 -17.98
C ARG A 107 16.55 -3.14 -17.05
N LEU A 108 15.94 -2.47 -16.07
CA LEU A 108 15.04 -3.16 -15.15
C LEU A 108 13.64 -3.10 -15.73
N ASN A 109 12.87 -4.14 -15.44
CA ASN A 109 11.52 -4.26 -15.98
C ASN A 109 10.56 -4.53 -14.84
N PHE A 110 9.77 -3.52 -14.48
CA PHE A 110 8.72 -3.66 -13.48
C PHE A 110 7.34 -3.63 -14.12
N GLY A 111 7.25 -4.09 -15.36
CA GLY A 111 6.02 -3.93 -16.11
C GLY A 111 5.76 -2.46 -16.35
N ASP A 112 4.50 -2.07 -16.27
CA ASP A 112 4.12 -0.68 -16.39
C ASP A 112 4.07 0.03 -15.03
N ASP A 113 4.77 -0.49 -14.01
CA ASP A 113 4.58 0.04 -12.65
C ASP A 113 4.95 1.50 -12.54
N ILE A 114 6.08 1.89 -13.12
CA ILE A 114 6.52 3.27 -12.92
C ILE A 114 5.65 4.24 -13.72
N PRO A 115 5.38 4.02 -15.01
CA PRO A 115 4.43 4.91 -15.70
C PRO A 115 3.06 4.92 -15.04
N SER A 116 2.61 3.78 -14.52
CA SER A 116 1.32 3.74 -13.85
C SER A 116 1.35 4.60 -12.59
N ALA A 117 2.43 4.53 -11.81
CA ALA A 117 2.56 5.38 -10.64
C ALA A 117 2.57 6.85 -11.04
N LEU A 118 3.24 7.18 -12.15
CA LEU A 118 3.25 8.57 -12.60
C LEU A 118 1.85 9.05 -12.94
N ARG A 119 1.08 8.22 -13.65
CA ARG A 119 -0.30 8.59 -13.96
C ARG A 119 -1.12 8.78 -12.70
N ILE A 120 -0.95 7.89 -11.72
CA ILE A 120 -1.67 8.04 -10.46
C ILE A 120 -1.31 9.36 -9.78
N ALA A 121 -0.01 9.70 -9.77
CA ALA A 121 0.41 10.92 -9.08
C ALA A 121 -0.08 12.16 -9.80
N LYS A 122 -0.03 12.17 -11.13
CA LYS A 122 -0.53 13.32 -11.89
C LYS A 122 -2.04 13.49 -11.71
N LYS A 123 -2.78 12.38 -11.70
CA LYS A 123 -4.23 12.48 -11.50
C LYS A 123 -4.54 13.01 -10.10
N LYS A 124 -3.80 12.55 -9.09
CA LYS A 124 -4.03 13.02 -7.73
C LYS A 124 -3.70 14.50 -7.59
N ARG A 125 -2.59 14.95 -8.22
CA ARG A 125 -2.27 16.37 -8.18
C ARG A 125 -3.39 17.20 -8.80
N TRP A 126 -3.98 16.71 -9.89
CA TRP A 126 -5.03 17.43 -10.57
C TRP A 126 -6.34 17.38 -9.79
N ASN A 127 -6.66 16.22 -9.19
CA ASN A 127 -7.92 16.07 -8.47
C ASN A 127 -7.95 16.85 -7.17
N SER A 128 -6.79 17.12 -6.59
CA SER A 128 -6.74 17.78 -5.29
C SER A 128 -7.18 19.24 -5.39
N PRO B 3 -20.58 -8.80 -21.57
CA PRO B 3 -20.14 -9.77 -20.56
C PRO B 3 -20.95 -9.64 -19.26
N SER B 4 -21.09 -10.74 -18.53
CA SER B 4 -21.82 -10.73 -17.28
C SER B 4 -21.08 -9.90 -16.22
N ALA B 5 -21.77 -9.61 -15.13
CA ALA B 5 -21.14 -8.89 -14.02
C ALA B 5 -20.03 -9.73 -13.39
N GLN B 6 -20.28 -11.03 -13.23
CA GLN B 6 -19.29 -11.92 -12.61
C GLN B 6 -18.03 -12.03 -13.46
N GLU B 7 -18.21 -12.09 -14.79
CA GLU B 7 -17.05 -12.10 -15.68
C GLU B 7 -16.28 -10.78 -15.60
N LEU B 8 -17.00 -9.66 -15.55
CA LEU B 8 -16.35 -8.36 -15.44
C LEU B 8 -15.59 -8.25 -14.12
N LYS B 9 -16.16 -8.80 -13.04
CA LYS B 9 -15.42 -8.85 -11.77
C LYS B 9 -14.14 -9.66 -11.93
N GLU B 10 -14.23 -10.80 -12.61
CA GLU B 10 -13.02 -11.62 -12.79
C GLU B 10 -12.00 -10.90 -13.66
N GLN B 11 -12.44 -10.18 -14.69
CA GLN B 11 -11.51 -9.41 -15.50
C GLN B 11 -10.87 -8.29 -14.69
N GLY B 12 -11.66 -7.61 -13.86
CA GLY B 12 -11.08 -6.61 -12.99
C GLY B 12 -10.06 -7.19 -12.02
N ASN B 13 -10.37 -8.38 -11.48
CA ASN B 13 -9.45 -9.04 -10.54
C ASN B 13 -8.12 -9.34 -11.22
N ARG B 14 -8.16 -9.73 -12.49
CA ARG B 14 -6.95 -10.02 -13.24
C ARG B 14 -6.13 -8.77 -13.45
N LEU B 15 -6.79 -7.65 -13.78
CA LEU B 15 -6.09 -6.38 -13.94
C LEU B 15 -5.54 -5.87 -12.62
N PHE B 16 -6.27 -6.12 -11.53
CA PHE B 16 -5.79 -5.71 -10.21
C PHE B 16 -4.46 -6.39 -9.88
N VAL B 17 -4.40 -7.71 -10.05
CA VAL B 17 -3.16 -8.44 -9.78
C VAL B 17 -2.05 -8.02 -10.75
N GLY B 18 -2.42 -7.64 -11.97
CA GLY B 18 -1.47 -7.10 -12.92
C GLY B 18 -1.06 -5.67 -12.66
N ARG B 19 -1.52 -5.09 -11.56
CA ARG B 19 -1.16 -3.75 -11.11
C ARG B 19 -1.66 -2.66 -12.05
N LYS B 20 -2.81 -2.90 -12.69
CA LYS B 20 -3.46 -1.94 -13.58
C LYS B 20 -4.71 -1.45 -12.85
N TYR B 21 -4.50 -0.51 -11.92
CA TYR B 21 -5.55 -0.16 -10.96
C TYR B 21 -6.66 0.68 -11.57
N PRO B 22 -6.39 1.73 -12.37
CA PRO B 22 -7.53 2.43 -13.01
C PRO B 22 -8.32 1.53 -13.94
N GLU B 23 -7.64 0.64 -14.65
CA GLU B 23 -8.34 -0.28 -15.54
C GLU B 23 -9.20 -1.26 -14.76
N ALA B 24 -8.67 -1.80 -13.66
CA ALA B 24 -9.43 -2.69 -12.81
C ALA B 24 -10.66 -1.99 -12.24
N ALA B 25 -10.48 -0.76 -11.74
CA ALA B 25 -11.60 -0.04 -11.17
C ALA B 25 -12.69 0.17 -12.20
N ALA B 26 -12.32 0.47 -13.44
CA ALA B 26 -13.33 0.64 -14.50
C ALA B 26 -14.08 -0.67 -14.75
N CYS B 27 -13.38 -1.80 -14.73
CA CYS B 27 -14.04 -3.08 -14.88
CA CYS B 27 -14.04 -3.09 -14.88
C CYS B 27 -15.04 -3.32 -13.77
N TYR B 28 -14.67 -3.03 -12.51
CA TYR B 28 -15.63 -3.15 -11.43
C TYR B 28 -16.81 -2.21 -11.62
N GLY B 29 -16.56 -1.01 -12.14
CA GLY B 29 -17.67 -0.11 -12.47
C GLY B 29 -18.63 -0.72 -13.48
N ARG B 30 -18.09 -1.43 -14.48
CA ARG B 30 -18.96 -2.10 -15.43
C ARG B 30 -19.73 -3.23 -14.79
N ALA B 31 -19.11 -3.94 -13.86
CA ALA B 31 -19.82 -4.99 -13.13
C ALA B 31 -20.97 -4.39 -12.33
N ILE B 32 -20.73 -3.23 -11.70
CA ILE B 32 -21.77 -2.54 -10.95
C ILE B 32 -22.92 -2.15 -11.85
N THR B 33 -22.62 -1.65 -13.06
CA THR B 33 -23.67 -1.34 -14.01
C THR B 33 -24.54 -2.55 -14.28
N ARG B 34 -23.94 -3.73 -14.45
CA ARG B 34 -24.71 -4.95 -14.72
C ARG B 34 -25.49 -5.39 -13.49
N ASN B 35 -24.90 -5.32 -12.30
CA ASN B 35 -25.59 -5.71 -11.08
C ASN B 35 -25.11 -4.80 -9.96
N PRO B 36 -25.84 -3.70 -9.69
CA PRO B 36 -25.42 -2.75 -8.67
C PRO B 36 -25.73 -3.16 -7.23
N LEU B 37 -26.23 -4.37 -7.02
CA LEU B 37 -26.63 -4.83 -5.70
C LEU B 37 -25.62 -5.75 -5.04
N VAL B 38 -24.40 -5.85 -5.58
CA VAL B 38 -23.38 -6.78 -5.09
C VAL B 38 -22.28 -5.97 -4.38
N ALA B 39 -22.18 -6.14 -3.05
CA ALA B 39 -21.26 -5.33 -2.26
C ALA B 39 -19.81 -5.52 -2.68
N VAL B 40 -19.43 -6.75 -3.06
CA VAL B 40 -18.02 -7.03 -3.38
C VAL B 40 -17.51 -6.19 -4.55
N TYR B 41 -18.38 -5.82 -5.50
CA TYR B 41 -17.88 -5.00 -6.59
C TYR B 41 -17.42 -3.64 -6.08
N TYR B 42 -18.14 -3.09 -5.10
CA TYR B 42 -17.78 -1.81 -4.52
C TYR B 42 -16.54 -1.91 -3.63
N THR B 43 -16.41 -2.99 -2.85
CA THR B 43 -15.20 -3.09 -2.03
C THR B 43 -13.97 -3.34 -2.89
N ASN B 44 -14.12 -4.14 -3.97
CA ASN B 44 -13.03 -4.32 -4.91
C ASN B 44 -12.62 -2.99 -5.52
N ARG B 45 -13.60 -2.19 -5.94
CA ARG B 45 -13.26 -0.89 -6.53
C ARG B 45 -12.63 0.03 -5.49
N ALA B 46 -13.10 -0.05 -4.24
CA ALA B 46 -12.52 0.76 -3.17
C ALA B 46 -11.03 0.46 -3.01
N LEU B 47 -10.68 -0.82 -3.10
CA LEU B 47 -9.26 -1.20 -3.00
C LEU B 47 -8.44 -0.62 -4.14
N CYS B 48 -8.98 -0.62 -5.36
CA CYS B 48 -8.32 0.08 -6.47
C CYS B 48 -8.13 1.55 -6.15
N TYR B 49 -9.19 2.21 -5.66
CA TYR B 49 -9.08 3.63 -5.37
C TYR B 49 -8.05 3.90 -4.29
N LEU B 50 -7.91 3.00 -3.31
CA LEU B 50 -6.85 3.16 -2.32
C LEU B 50 -5.48 3.14 -2.99
N LYS B 51 -5.26 2.18 -3.90
CA LYS B 51 -4.00 2.13 -4.62
C LYS B 51 -3.76 3.39 -5.42
N MET B 52 -4.83 4.04 -5.89
CA MET B 52 -4.76 5.23 -6.71
C MET B 52 -4.75 6.52 -5.90
N GLN B 53 -4.69 6.42 -4.57
CA GLN B 53 -4.70 7.58 -3.67
C GLN B 53 -6.00 8.36 -3.74
N GLN B 54 -7.06 7.76 -4.25
CA GLN B 54 -8.34 8.43 -4.39
CA GLN B 54 -8.35 8.42 -4.40
C GLN B 54 -9.24 8.06 -3.19
N HIS B 55 -8.89 8.67 -2.05
CA HIS B 55 -9.48 8.27 -0.78
C HIS B 55 -10.95 8.63 -0.68
N GLU B 56 -11.35 9.81 -1.15
CA GLU B 56 -12.76 10.16 -1.06
C GLU B 56 -13.62 9.20 -1.89
N GLN B 57 -13.11 8.77 -3.05
CA GLN B 57 -13.83 7.80 -3.88
C GLN B 57 -13.84 6.42 -3.22
N ALA B 58 -12.73 6.03 -2.61
CA ALA B 58 -12.71 4.75 -1.91
C ALA B 58 -13.69 4.75 -0.74
N LEU B 59 -13.73 5.87 0.00
CA LEU B 59 -14.66 6.01 1.11
C LEU B 59 -16.10 5.82 0.65
N ALA B 60 -16.47 6.49 -0.45
CA ALA B 60 -17.83 6.38 -0.98
C ALA B 60 -18.16 4.95 -1.35
N ASP B 61 -17.22 4.23 -1.97
CA ASP B 61 -17.51 2.84 -2.35
C ASP B 61 -17.67 1.95 -1.13
N CYS B 62 -16.86 2.15 -0.09
CA CYS B 62 -17.05 1.38 1.13
C CYS B 62 -18.43 1.67 1.73
N ARG B 63 -18.85 2.94 1.71
CA ARG B 63 -20.18 3.30 2.19
C ARG B 63 -21.25 2.57 1.39
N ARG B 64 -21.11 2.56 0.06
CA ARG B 64 -22.08 1.85 -0.78
C ARG B 64 -22.09 0.37 -0.46
N ALA B 65 -20.91 -0.23 -0.28
CA ALA B 65 -20.83 -1.64 0.04
C ALA B 65 -21.53 -1.94 1.37
N LEU B 66 -21.37 -1.06 2.36
CA LEU B 66 -21.99 -1.29 3.66
C LEU B 66 -23.51 -1.19 3.61
N GLU B 67 -24.06 -0.39 2.69
CA GLU B 67 -25.51 -0.39 2.50
C GLU B 67 -26.01 -1.72 1.98
N LEU B 68 -25.18 -2.45 1.22
CA LEU B 68 -25.59 -3.71 0.62
C LEU B 68 -25.24 -4.91 1.49
N ASP B 69 -24.14 -4.85 2.25
CA ASP B 69 -23.71 -5.93 3.14
C ASP B 69 -23.10 -5.30 4.38
N GLY B 70 -23.95 -5.04 5.38
CA GLY B 70 -23.49 -4.41 6.60
C GLY B 70 -22.55 -5.27 7.42
N GLN B 71 -22.40 -6.54 7.10
CA GLN B 71 -21.50 -7.42 7.84
C GLN B 71 -20.16 -7.60 7.15
N SER B 72 -19.90 -6.87 6.08
CA SER B 72 -18.70 -7.09 5.30
C SER B 72 -17.45 -6.74 6.10
N VAL B 73 -16.62 -7.76 6.36
CA VAL B 73 -15.33 -7.55 6.99
C VAL B 73 -14.46 -6.62 6.15
N LYS B 74 -14.37 -6.92 4.85
CA LYS B 74 -13.48 -6.14 3.99
C LYS B 74 -13.95 -4.70 3.84
N ALA B 75 -15.27 -4.48 3.80
CA ALA B 75 -15.72 -3.09 3.71
C ALA B 75 -15.26 -2.31 4.93
N HIS B 76 -15.35 -2.90 6.12
CA HIS B 76 -14.88 -2.21 7.32
C HIS B 76 -13.36 -2.08 7.33
N PHE B 77 -12.66 -3.11 6.88
CA PHE B 77 -11.20 -3.06 6.86
C PHE B 77 -10.70 -2.00 5.88
N PHE B 78 -11.28 -1.97 4.67
CA PHE B 78 -10.83 -0.98 3.70
C PHE B 78 -11.23 0.43 4.12
N LEU B 79 -12.41 0.57 4.74
CA LEU B 79 -12.82 1.86 5.26
C LEU B 79 -11.87 2.34 6.33
N GLY B 80 -11.45 1.45 7.23
CA GLY B 80 -10.46 1.83 8.23
C GLY B 80 -9.14 2.23 7.61
N GLN B 81 -8.68 1.48 6.60
CA GLN B 81 -7.44 1.86 5.91
C GLN B 81 -7.59 3.20 5.24
N CYS B 82 -8.73 3.43 4.61
CA CYS B 82 -8.98 4.72 3.98
CA CYS B 82 -9.05 4.73 3.99
C CYS B 82 -8.90 5.85 4.99
N GLN B 83 -9.59 5.71 6.13
CA GLN B 83 -9.57 6.74 7.15
C GLN B 83 -8.18 6.95 7.73
N LEU B 84 -7.41 5.87 7.86
CA LEU B 84 -6.03 6.02 8.30
C LEU B 84 -5.23 6.88 7.33
N GLU B 85 -5.40 6.66 6.02
CA GLU B 85 -4.69 7.45 5.02
C GLU B 85 -5.11 8.91 5.07
N MET B 86 -6.36 9.18 5.41
CA MET B 86 -6.89 10.53 5.53
C MET B 86 -6.65 11.14 6.90
N GLU B 87 -5.90 10.46 7.77
CA GLU B 87 -5.55 10.96 9.11
C GLU B 87 -6.77 11.09 10.02
N SER B 88 -7.80 10.27 9.81
CA SER B 88 -8.94 10.19 10.72
C SER B 88 -8.73 8.95 11.58
N TYR B 89 -7.85 9.08 12.57
CA TYR B 89 -7.31 7.92 13.26
C TYR B 89 -8.33 7.23 14.15
N ASP B 90 -9.14 8.01 14.86
CA ASP B 90 -10.12 7.40 15.75
C ASP B 90 -11.14 6.58 14.97
N GLU B 91 -11.62 7.11 13.85
CA GLU B 91 -12.53 6.36 12.98
C GLU B 91 -11.86 5.13 12.39
N ALA B 92 -10.61 5.29 11.95
CA ALA B 92 -9.90 4.16 11.38
C ALA B 92 -9.80 3.02 12.40
N ILE B 93 -9.44 3.36 13.64
CA ILE B 93 -9.31 2.33 14.65
C ILE B 93 -10.66 1.66 14.92
N ALA B 94 -11.73 2.45 14.99
CA ALA B 94 -13.05 1.85 15.22
C ALA B 94 -13.43 0.89 14.09
N ASN B 95 -13.15 1.26 12.85
CA ASN B 95 -13.48 0.36 11.75
C ASN B 95 -12.62 -0.88 11.72
N LEU B 96 -11.33 -0.75 12.07
CA LEU B 96 -10.48 -1.93 12.11
C LEU B 96 -10.91 -2.86 13.22
N GLN B 97 -11.30 -2.31 14.37
CA GLN B 97 -11.80 -3.15 15.46
C GLN B 97 -13.09 -3.84 15.06
N ARG B 98 -13.95 -3.16 14.30
CA ARG B 98 -15.18 -3.78 13.84
C ARG B 98 -14.88 -4.90 12.85
N ALA B 99 -13.89 -4.69 11.97
CA ALA B 99 -13.46 -5.77 11.09
C ALA B 99 -13.00 -6.98 11.88
N TYR B 100 -12.19 -6.75 12.93
CA TYR B 100 -11.76 -7.83 13.82
C TYR B 100 -12.95 -8.61 14.38
N SER B 101 -13.95 -7.88 14.91
CA SER B 101 -15.09 -8.53 15.54
C SER B 101 -15.93 -9.29 14.53
N LEU B 102 -16.16 -8.69 13.36
CA LEU B 102 -16.94 -9.37 12.33
C LEU B 102 -16.22 -10.62 11.83
N ALA B 103 -14.90 -10.54 11.67
CA ALA B 103 -14.16 -11.71 11.21
C ALA B 103 -14.24 -12.84 12.22
N LYS B 104 -14.16 -12.51 13.52
CA LYS B 104 -14.29 -13.55 14.53
C LYS B 104 -15.70 -14.13 14.55
N GLU B 105 -16.71 -13.27 14.43
CA GLU B 105 -18.09 -13.75 14.41
C GLU B 105 -18.34 -14.65 13.21
N GLN B 106 -17.72 -14.36 12.08
CA GLN B 106 -17.86 -15.14 10.85
C GLN B 106 -16.84 -16.28 10.77
N ARG B 107 -16.00 -16.45 11.79
CA ARG B 107 -15.02 -17.53 11.83
C ARG B 107 -14.11 -17.51 10.62
N LEU B 108 -13.71 -16.32 10.20
CA LEU B 108 -12.79 -16.13 9.10
C LEU B 108 -11.37 -16.07 9.64
N ASN B 109 -10.43 -16.60 8.87
CA ASN B 109 -9.04 -16.69 9.30
C ASN B 109 -8.21 -15.77 8.42
N PHE B 110 -7.85 -14.60 8.97
CA PHE B 110 -6.92 -13.70 8.31
C PHE B 110 -5.59 -13.64 9.04
N GLY B 111 -5.25 -14.71 9.75
CA GLY B 111 -4.03 -14.70 10.55
C GLY B 111 -4.08 -13.58 11.56
N ASP B 112 -2.96 -12.90 11.74
CA ASP B 112 -2.88 -11.74 12.62
C ASP B 112 -2.99 -10.43 11.86
N ASP B 113 -3.51 -10.47 10.64
CA ASP B 113 -3.48 -9.29 9.78
C ASP B 113 -4.30 -8.15 10.34
N ILE B 114 -5.48 -8.43 10.91
CA ILE B 114 -6.29 -7.33 11.43
C ILE B 114 -5.67 -6.73 12.69
N PRO B 115 -5.27 -7.53 13.68
CA PRO B 115 -4.50 -6.93 14.79
C PRO B 115 -3.26 -6.18 14.34
N SER B 116 -2.57 -6.68 13.32
CA SER B 116 -1.38 -5.98 12.84
C SER B 116 -1.75 -4.60 12.30
N ALA B 117 -2.84 -4.51 11.55
CA ALA B 117 -3.29 -3.20 11.05
C ALA B 117 -3.71 -2.29 12.19
N LEU B 118 -4.36 -2.84 13.21
CA LEU B 118 -4.70 -2.06 14.39
C LEU B 118 -3.46 -1.50 15.09
N ARG B 119 -2.42 -2.31 15.26
CA ARG B 119 -1.20 -1.80 15.89
C ARG B 119 -0.61 -0.65 15.10
N ILE B 120 -0.61 -0.77 13.77
CA ILE B 120 -0.08 0.30 12.93
C ILE B 120 -0.91 1.57 13.09
N ALA B 121 -2.24 1.45 13.10
CA ALA B 121 -3.08 2.62 13.24
C ALA B 121 -2.92 3.27 14.60
N LYS B 122 -2.84 2.47 15.65
CA LYS B 122 -2.66 3.02 16.99
C LYS B 122 -1.31 3.71 17.13
N LYS B 123 -0.26 3.13 16.55
CA LYS B 123 1.06 3.77 16.59
C LYS B 123 1.06 5.08 15.81
N LYS B 124 0.46 5.07 14.62
CA LYS B 124 0.41 6.29 13.82
C LYS B 124 -0.35 7.39 14.54
N ARG B 125 -1.48 7.05 15.17
CA ARG B 125 -2.22 8.03 15.95
C ARG B 125 -1.34 8.62 17.05
N TRP B 126 -0.62 7.76 17.77
CA TRP B 126 0.22 8.25 18.85
C TRP B 126 1.36 9.12 18.31
N ASN B 127 2.02 8.66 17.25
CA ASN B 127 3.11 9.44 16.67
C ASN B 127 2.65 10.81 16.19
N SER B 128 1.37 10.92 15.81
CA SER B 128 0.83 12.18 15.33
C SER B 128 0.58 13.16 16.46
C ACE C 1 7.55 -7.13 -10.12
O ACE C 1 8.22 -6.25 -10.67
CH3 ACE C 1 7.80 -8.59 -10.37
N SER C 2 6.55 -6.84 -9.30
CA SER C 2 6.20 -5.46 -8.97
C SER C 2 7.36 -4.73 -8.29
N ILE C 3 7.44 -3.42 -8.54
CA ILE C 3 8.38 -2.57 -7.82
C ILE C 3 7.97 -2.37 -6.36
N ASP C 4 6.71 -2.64 -6.02
CA ASP C 4 6.20 -2.40 -4.66
C ASP C 4 6.53 -3.62 -3.79
N MET C 5 7.82 -3.77 -3.52
CA MET C 5 8.33 -4.97 -2.86
C MET C 5 9.75 -4.71 -2.39
N VAL C 6 10.11 -5.35 -1.27
CA VAL C 6 11.50 -5.29 -0.78
C VAL C 6 12.43 -6.03 -1.73
N ASP C 7 13.72 -5.71 -1.65
CA ASP C 7 14.75 -6.43 -2.37
C ASP C 7 15.34 -7.55 -1.50
C ACE D 1 -7.64 -14.75 2.33
O ACE D 1 -6.74 -15.09 3.08
CH3 ACE D 1 -8.81 -15.63 2.00
N SER D 2 -7.62 -13.58 1.72
CA SER D 2 -6.55 -12.61 1.93
C SER D 2 -7.21 -11.27 2.15
N ILE D 3 -6.92 -10.64 3.28
CA ILE D 3 -7.64 -9.44 3.67
C ILE D 3 -7.38 -8.28 2.70
N ASP D 4 -6.19 -8.25 2.10
CA ASP D 4 -5.74 -7.13 1.27
C ASP D 4 -5.80 -7.42 -0.22
N MET D 5 -6.64 -8.37 -0.64
CA MET D 5 -6.74 -8.76 -2.05
C MET D 5 -8.20 -8.72 -2.46
N VAL D 6 -8.42 -8.48 -3.77
CA VAL D 6 -9.78 -8.41 -4.29
C VAL D 6 -10.51 -9.74 -4.17
N ASP D 7 -11.82 -9.66 -3.95
CA ASP D 7 -12.72 -10.81 -3.87
C ASP D 7 -13.22 -11.25 -5.24
#